data_3HOR
#
_entry.id   3HOR
#
_cell.length_a   57.672
_cell.length_b   72.290
_cell.length_c   155.324
_cell.angle_alpha   90.00
_cell.angle_beta   90.00
_cell.angle_gamma   90.00
#
_symmetry.space_group_name_H-M   'P 21 21 21'
#
loop_
_entity.id
_entity.type
_entity.pdbx_description
1 polymer Filamin-A
2 non-polymer 'PHOSPHATE ION'
3 water water
#
_entity_poly.entity_id   1
_entity_poly.type   'polypeptide(L)'
_entity_poly.pdbx_seq_one_letter_code
;GAMASSSHSRAGQSAAGAAPGGGVDTRDAEMPATEKDLAEDAPWKKIQQNTFTRWCNEHLKCVSKRIANLQTDLSDGLRL
IALLEVLSQKKMHRKHNQRPTFRQMQLENVSVALEFLDRESIKLVSIDSKAIVDGNLKLILGLIWTLILHYSISMPMWDE
EEDEEAKKQTPKQRLLGWIQNKLPQLPITNFSRDWQSGRALGALVDSCAPGLCPDWDSWDASKPVTNAREAMQQADDWLG
IPQVITPEEIVDPNVDEHSVMTYLSQFPKAKL
;
_entity_poly.pdbx_strand_id   A,B
#
loop_
_chem_comp.id
_chem_comp.type
_chem_comp.name
_chem_comp.formula
PO4 non-polymer 'PHOSPHATE ION' 'O4 P -3'
#
# COMPACT_ATOMS: atom_id res chain seq x y z
N LYS A 46 13.88 -3.88 -15.29
CA LYS A 46 13.61 -4.01 -13.84
C LYS A 46 12.23 -3.49 -13.43
N ILE A 47 11.82 -2.41 -14.06
CA ILE A 47 10.56 -1.75 -13.73
C ILE A 47 9.34 -2.65 -13.84
N GLN A 48 9.21 -3.42 -14.92
CA GLN A 48 8.06 -4.29 -15.07
C GLN A 48 7.93 -5.29 -13.90
N GLN A 49 9.06 -5.79 -13.40
CA GLN A 49 9.00 -6.75 -12.30
C GLN A 49 8.55 -6.05 -11.02
N ASN A 50 9.23 -4.96 -10.68
CA ASN A 50 8.82 -4.19 -9.51
C ASN A 50 7.33 -3.90 -9.53
N THR A 51 6.82 -3.47 -10.68
CA THR A 51 5.41 -3.13 -10.82
C THR A 51 4.49 -4.31 -10.61
N PHE A 52 4.73 -5.41 -11.31
CA PHE A 52 3.89 -6.59 -11.18
C PHE A 52 3.90 -7.10 -9.76
N THR A 53 5.04 -6.95 -9.11
CA THR A 53 5.21 -7.37 -7.73
C THR A 53 4.31 -6.53 -6.84
N ARG A 54 4.50 -5.22 -6.86
CA ARG A 54 3.68 -4.28 -6.09
C ARG A 54 2.19 -4.54 -6.27
N TRP A 55 1.80 -4.78 -7.52
CA TRP A 55 0.41 -5.08 -7.86
C TRP A 55 -0.05 -6.35 -7.13
N CYS A 56 0.67 -7.44 -7.36
CA CYS A 56 0.44 -8.69 -6.65
C CYS A 56 0.21 -8.47 -5.14
N ASN A 57 1.14 -7.76 -4.51
CA ASN A 57 1.12 -7.52 -3.08
C ASN A 57 -0.15 -6.79 -2.63
N GLU A 58 -0.69 -5.95 -3.50
CA GLU A 58 -1.92 -5.21 -3.20
C GLU A 58 -3.09 -6.15 -2.98
N HIS A 59 -3.18 -7.20 -3.80
CA HIS A 59 -4.22 -8.23 -3.68
C HIS A 59 -3.91 -9.27 -2.59
N LEU A 60 -2.62 -9.51 -2.33
CA LEU A 60 -2.24 -10.44 -1.28
C LEU A 60 -2.31 -9.81 0.12
N LYS A 61 -2.53 -8.50 0.20
CA LYS A 61 -2.73 -7.85 1.50
C LYS A 61 -4.01 -8.40 2.14
N CYS A 62 -5.02 -8.67 1.32
CA CYS A 62 -6.33 -9.18 1.79
C CYS A 62 -6.29 -10.61 2.34
N VAL A 63 -5.10 -11.17 2.48
CA VAL A 63 -4.92 -12.54 2.98
C VAL A 63 -3.69 -12.60 3.88
N SER A 64 -3.08 -11.42 4.07
CA SER A 64 -1.91 -11.26 4.93
C SER A 64 -0.71 -12.01 4.39
N LYS A 65 -0.46 -11.84 3.09
CA LYS A 65 0.69 -12.42 2.43
C LYS A 65 1.45 -11.38 1.57
N ARG A 66 2.73 -11.62 1.34
CA ARG A 66 3.57 -10.68 0.61
C ARG A 66 4.67 -11.36 -0.21
N ILE A 67 4.75 -10.98 -1.48
CA ILE A 67 5.89 -11.35 -2.31
C ILE A 67 7.03 -10.36 -2.06
N ALA A 68 8.24 -10.87 -1.92
CA ALA A 68 9.40 -10.02 -1.82
C ALA A 68 10.16 -10.18 -3.12
N ASN A 69 10.30 -11.43 -3.55
CA ASN A 69 11.07 -11.78 -4.72
C ASN A 69 10.20 -12.66 -5.61
N LEU A 70 9.81 -12.13 -6.76
CA LEU A 70 8.82 -12.77 -7.60
C LEU A 70 9.37 -14.06 -8.19
N GLN A 71 10.69 -14.19 -8.18
CA GLN A 71 11.32 -15.34 -8.79
C GLN A 71 11.14 -16.58 -7.95
N THR A 72 11.13 -16.40 -6.64
CA THR A 72 11.07 -17.50 -5.70
C THR A 72 9.74 -17.61 -4.96
N ASP A 73 9.13 -16.48 -4.63
CA ASP A 73 8.03 -16.47 -3.65
C ASP A 73 6.72 -17.11 -4.13
N LEU A 74 6.66 -17.43 -5.43
CA LEU A 74 5.47 -18.04 -6.00
C LEU A 74 5.64 -19.51 -6.31
N SER A 75 6.78 -20.08 -5.93
CA SER A 75 7.14 -21.40 -6.46
C SER A 75 6.48 -22.60 -5.79
N ASP A 76 6.10 -22.45 -4.52
CA ASP A 76 5.41 -23.54 -3.83
C ASP A 76 3.91 -23.53 -4.13
N GLY A 77 3.50 -22.62 -5.02
CA GLY A 77 2.11 -22.51 -5.41
C GLY A 77 1.20 -21.76 -4.44
N LEU A 78 1.58 -21.67 -3.16
CA LEU A 78 0.71 -21.12 -2.11
C LEU A 78 0.28 -19.66 -2.35
N ARG A 79 1.24 -18.77 -2.57
CA ARG A 79 0.92 -17.38 -2.81
C ARG A 79 0.22 -17.17 -4.17
N LEU A 80 0.54 -18.00 -5.15
CA LEU A 80 -0.15 -17.97 -6.44
C LEU A 80 -1.63 -18.27 -6.26
N ILE A 81 -1.91 -19.25 -5.42
CA ILE A 81 -3.25 -19.72 -5.22
C ILE A 81 -4.06 -18.70 -4.42
N ALA A 82 -3.38 -18.01 -3.49
CA ALA A 82 -4.00 -16.94 -2.73
C ALA A 82 -4.38 -15.81 -3.67
N LEU A 83 -3.46 -15.49 -4.57
CA LEU A 83 -3.66 -14.36 -5.46
C LEU A 83 -4.81 -14.63 -6.42
N LEU A 84 -4.91 -15.87 -6.91
CA LEU A 84 -6.03 -16.23 -7.77
C LEU A 84 -7.35 -16.19 -7.01
N GLU A 85 -7.37 -16.74 -5.81
CA GLU A 85 -8.60 -16.72 -5.02
C GLU A 85 -9.07 -15.29 -4.73
N VAL A 86 -8.14 -14.40 -4.39
CA VAL A 86 -8.49 -13.00 -4.18
C VAL A 86 -8.99 -12.34 -5.47
N LEU A 87 -8.26 -12.52 -6.56
CA LEU A 87 -8.66 -11.90 -7.82
C LEU A 87 -10.02 -12.43 -8.25
N SER A 88 -10.10 -13.76 -8.38
CA SER A 88 -11.31 -14.41 -8.87
C SER A 88 -12.44 -14.35 -7.87
N GLN A 89 -12.10 -14.16 -6.59
CA GLN A 89 -13.08 -14.15 -5.51
C GLN A 89 -13.78 -15.50 -5.34
N LYS A 90 -13.24 -16.52 -5.99
CA LYS A 90 -13.69 -17.88 -5.76
C LYS A 90 -12.67 -18.62 -4.92
N LYS A 91 -12.96 -19.89 -4.64
CA LYS A 91 -11.99 -20.76 -4.02
C LYS A 91 -11.55 -21.77 -5.08
N MET A 92 -10.43 -22.44 -4.83
CA MET A 92 -9.90 -23.40 -5.80
C MET A 92 -10.88 -24.55 -6.04
N HIS A 93 -10.77 -25.16 -7.21
CA HIS A 93 -11.59 -26.31 -7.55
C HIS A 93 -11.22 -27.60 -6.77
N ARG A 94 -9.92 -27.88 -6.65
CA ARG A 94 -9.45 -29.03 -5.87
C ARG A 94 -8.74 -28.61 -4.58
N LYS A 95 -8.47 -29.58 -3.72
CA LYS A 95 -7.69 -29.32 -2.54
C LYS A 95 -6.24 -29.29 -2.95
N HIS A 96 -5.44 -28.50 -2.24
CA HIS A 96 -4.01 -28.39 -2.53
C HIS A 96 -3.22 -28.72 -1.27
N ASN A 97 -1.92 -28.90 -1.44
CA ASN A 97 -1.04 -29.16 -0.31
C ASN A 97 -0.72 -27.87 0.41
N GLN A 98 -1.03 -27.81 1.70
CA GLN A 98 -0.87 -26.57 2.46
C GLN A 98 0.56 -26.43 2.94
N ARG A 99 1.27 -27.55 2.90
CA ARG A 99 2.65 -27.56 3.30
C ARG A 99 3.50 -28.28 2.27
N PRO A 100 3.83 -27.56 1.17
CA PRO A 100 4.60 -28.08 0.03
C PRO A 100 6.10 -28.16 0.35
N THR A 101 6.49 -29.13 1.17
CA THR A 101 7.87 -29.21 1.62
C THR A 101 8.82 -29.69 0.50
N PHE A 102 8.39 -30.64 -0.32
CA PHE A 102 9.22 -31.07 -1.46
C PHE A 102 8.62 -30.65 -2.81
N ARG A 103 9.32 -31.00 -3.88
CA ARG A 103 9.01 -30.47 -5.21
C ARG A 103 7.67 -30.91 -5.81
N GLN A 104 7.38 -32.19 -5.69
CA GLN A 104 6.18 -32.75 -6.27
C GLN A 104 4.91 -32.07 -5.79
N MET A 105 4.91 -31.65 -4.51
CA MET A 105 3.76 -30.97 -3.94
C MET A 105 3.66 -29.57 -4.50
N GLN A 106 4.82 -28.94 -4.68
CA GLN A 106 4.90 -27.63 -5.33
C GLN A 106 4.43 -27.67 -6.80
N LEU A 107 4.62 -28.81 -7.46
CA LEU A 107 4.09 -28.99 -8.80
C LEU A 107 2.59 -29.26 -8.79
N GLU A 108 2.13 -30.03 -7.81
CA GLU A 108 0.70 -30.27 -7.67
C GLU A 108 0.03 -28.92 -7.39
N ASN A 109 0.65 -28.12 -6.53
CA ASN A 109 0.08 -26.83 -6.16
C ASN A 109 -0.08 -25.96 -7.39
N VAL A 110 1.03 -25.62 -8.05
CA VAL A 110 0.98 -24.82 -9.27
C VAL A 110 0.01 -25.39 -10.32
N SER A 111 -0.19 -26.71 -10.31
CA SER A 111 -1.12 -27.32 -11.26
C SER A 111 -2.59 -27.16 -10.87
N VAL A 112 -2.86 -27.11 -9.58
CA VAL A 112 -4.18 -26.74 -9.10
C VAL A 112 -4.49 -25.35 -9.66
N ALA A 113 -3.52 -24.45 -9.52
CA ALA A 113 -3.64 -23.07 -9.96
C ALA A 113 -3.91 -22.96 -11.45
N LEU A 114 -3.15 -23.71 -12.24
CA LEU A 114 -3.22 -23.58 -13.69
C LEU A 114 -4.42 -24.30 -14.28
N GLU A 115 -5.10 -25.10 -13.46
CA GLU A 115 -6.34 -25.71 -13.90
C GLU A 115 -7.43 -24.68 -13.71
N PHE A 116 -7.36 -23.98 -12.58
CA PHE A 116 -8.30 -22.92 -12.26
C PHE A 116 -8.25 -21.88 -13.38
N LEU A 117 -7.04 -21.47 -13.75
CA LEU A 117 -6.89 -20.41 -14.74
C LEU A 117 -7.69 -20.69 -16.01
N ASP A 118 -7.68 -21.92 -16.48
CA ASP A 118 -8.39 -22.21 -17.73
C ASP A 118 -9.77 -22.81 -17.47
N ARG A 119 -10.06 -23.09 -16.21
CA ARG A 119 -11.40 -23.48 -15.80
C ARG A 119 -12.20 -22.18 -15.78
N GLU A 120 -11.47 -21.06 -15.72
CA GLU A 120 -12.07 -19.73 -15.78
C GLU A 120 -12.02 -19.19 -17.20
N SER A 121 -11.54 -20.02 -18.12
CA SER A 121 -11.39 -19.65 -19.54
C SER A 121 -10.36 -18.53 -19.75
N ILE A 122 -9.46 -18.36 -18.79
CA ILE A 122 -8.38 -17.40 -18.96
C ILE A 122 -7.29 -18.01 -19.82
N LYS A 123 -7.18 -17.56 -21.06
CA LYS A 123 -6.20 -18.17 -21.94
C LYS A 123 -4.82 -18.00 -21.36
N LEU A 124 -4.02 -19.05 -21.48
CA LEU A 124 -2.70 -19.07 -20.92
C LEU A 124 -1.71 -19.38 -22.03
N VAL A 125 -0.58 -18.70 -22.01
CA VAL A 125 0.37 -18.82 -23.12
C VAL A 125 1.70 -19.42 -22.71
N SER A 126 1.85 -20.73 -22.96
CA SER A 126 3.14 -21.41 -22.84
C SER A 126 3.63 -21.61 -21.40
N ILE A 127 2.76 -21.41 -20.44
CA ILE A 127 3.17 -21.60 -19.05
C ILE A 127 2.84 -23.01 -18.57
N ASP A 128 3.79 -23.63 -17.89
CA ASP A 128 3.59 -24.94 -17.27
C ASP A 128 4.09 -24.96 -15.81
N SER A 129 3.66 -25.95 -15.05
CA SER A 129 3.96 -26.02 -13.62
C SER A 129 5.44 -25.84 -13.33
N LYS A 130 6.27 -26.64 -14.01
CA LYS A 130 7.71 -26.51 -13.92
C LYS A 130 8.21 -25.08 -14.08
N ALA A 131 7.64 -24.36 -15.04
CA ALA A 131 8.10 -23.00 -15.31
C ALA A 131 8.17 -22.19 -14.02
N ILE A 132 7.14 -22.35 -13.21
CA ILE A 132 6.99 -21.59 -11.97
C ILE A 132 7.76 -22.21 -10.81
N VAL A 133 7.59 -23.51 -10.61
CA VAL A 133 8.25 -24.20 -9.49
C VAL A 133 9.74 -23.99 -9.58
N ASP A 134 10.22 -23.89 -10.82
CA ASP A 134 11.66 -23.84 -11.13
C ASP A 134 12.21 -22.42 -11.21
N GLY A 135 11.41 -21.45 -10.78
CA GLY A 135 11.86 -20.08 -10.68
C GLY A 135 12.23 -19.41 -11.98
N ASN A 136 11.50 -19.75 -13.05
CA ASN A 136 11.73 -19.15 -14.36
C ASN A 136 11.12 -17.75 -14.49
N LEU A 137 11.89 -16.72 -14.12
CA LEU A 137 11.39 -15.36 -14.00
C LEU A 137 10.58 -14.82 -15.20
N LYS A 138 10.91 -15.26 -16.41
CA LYS A 138 10.24 -14.74 -17.60
C LYS A 138 8.79 -15.19 -17.73
N LEU A 139 8.57 -16.50 -17.68
CA LEU A 139 7.23 -17.06 -17.80
C LEU A 139 6.42 -16.82 -16.54
N ILE A 140 7.10 -16.47 -15.47
CA ILE A 140 6.43 -16.03 -14.24
C ILE A 140 5.90 -14.62 -14.48
N LEU A 141 6.73 -13.75 -15.06
CA LEU A 141 6.28 -12.39 -15.39
C LEU A 141 5.13 -12.37 -16.41
N GLY A 142 5.05 -13.38 -17.26
CA GLY A 142 4.03 -13.41 -18.26
C GLY A 142 2.75 -13.97 -17.71
N LEU A 143 2.88 -14.75 -16.64
CA LEU A 143 1.73 -15.24 -15.92
C LEU A 143 1.03 -14.06 -15.29
N ILE A 144 1.77 -13.35 -14.44
CA ILE A 144 1.24 -12.16 -13.77
C ILE A 144 0.59 -11.23 -14.79
N TRP A 145 1.26 -11.02 -15.92
CA TRP A 145 0.68 -10.15 -16.95
C TRP A 145 -0.64 -10.67 -17.48
N THR A 146 -0.73 -11.98 -17.70
CA THR A 146 -1.97 -12.60 -18.17
C THR A 146 -3.12 -12.32 -17.20
N LEU A 147 -2.79 -12.30 -15.91
CA LEU A 147 -3.76 -12.06 -14.86
C LEU A 147 -4.16 -10.58 -14.77
N ILE A 148 -3.19 -9.69 -14.94
CA ILE A 148 -3.45 -8.27 -14.91
C ILE A 148 -4.35 -7.85 -16.08
N LEU A 149 -4.05 -8.40 -17.25
CA LEU A 149 -4.82 -8.15 -18.47
C LEU A 149 -6.24 -8.58 -18.33
N HIS A 150 -6.43 -9.75 -17.72
CA HIS A 150 -7.76 -10.33 -17.57
C HIS A 150 -8.55 -9.67 -16.45
N TYR A 151 -8.02 -9.73 -15.24
CA TYR A 151 -8.77 -9.26 -14.08
C TYR A 151 -8.78 -7.76 -13.93
N SER A 152 -7.70 -7.11 -14.34
CA SER A 152 -7.58 -5.68 -14.09
C SER A 152 -8.01 -4.84 -15.30
N ILE A 153 -7.79 -5.36 -16.50
CA ILE A 153 -8.11 -4.61 -17.71
C ILE A 153 -9.30 -5.17 -18.50
N SER A 154 -9.28 -6.47 -18.79
CA SER A 154 -10.26 -7.08 -19.69
C SER A 154 -11.49 -7.63 -18.97
N MET A 155 -11.77 -7.09 -17.80
CA MET A 155 -12.85 -7.62 -16.96
C MET A 155 -13.85 -6.55 -16.47
N PRO A 156 -13.35 -5.47 -15.83
CA PRO A 156 -14.19 -4.36 -15.37
C PRO A 156 -15.26 -3.96 -16.39
N GLN A 169 -13.31 -5.60 -29.58
CA GLN A 169 -12.21 -4.73 -29.20
C GLN A 169 -11.27 -5.42 -28.19
N THR A 170 -10.00 -4.97 -28.12
CA THR A 170 -9.00 -5.57 -27.23
C THR A 170 -8.70 -4.77 -25.95
N PRO A 171 -8.09 -5.41 -24.94
CA PRO A 171 -7.78 -4.74 -23.66
C PRO A 171 -6.97 -3.46 -23.83
N LYS A 172 -5.79 -3.56 -24.43
CA LYS A 172 -4.99 -2.39 -24.75
C LYS A 172 -5.86 -1.28 -25.33
N GLN A 173 -6.73 -1.67 -26.25
CA GLN A 173 -7.56 -0.68 -26.94
C GLN A 173 -8.71 -0.18 -26.07
N ARG A 174 -9.30 -1.08 -25.28
CA ARG A 174 -10.40 -0.68 -24.40
C ARG A 174 -9.91 0.33 -23.38
N LEU A 175 -8.77 0.03 -22.77
CA LEU A 175 -8.17 0.90 -21.77
C LEU A 175 -7.76 2.21 -22.42
N LEU A 176 -7.17 2.10 -23.61
CA LEU A 176 -6.77 3.27 -24.36
C LEU A 176 -8.00 4.12 -24.72
N GLY A 177 -9.07 3.44 -25.13
CA GLY A 177 -10.33 4.14 -25.38
C GLY A 177 -10.90 4.81 -24.15
N TRP A 178 -10.81 4.12 -23.01
CA TRP A 178 -11.30 4.67 -21.75
C TRP A 178 -10.60 5.96 -21.41
N ILE A 179 -9.29 6.00 -21.63
CA ILE A 179 -8.51 7.18 -21.31
C ILE A 179 -8.78 8.36 -22.25
N GLN A 180 -8.85 8.07 -23.55
CA GLN A 180 -9.15 9.10 -24.55
C GLN A 180 -10.51 9.74 -24.26
N ASN A 181 -11.36 9.00 -23.54
CA ASN A 181 -12.69 9.49 -23.25
C ASN A 181 -12.66 10.46 -22.06
N LYS A 182 -11.80 10.19 -21.09
CA LYS A 182 -11.64 11.06 -19.92
C LYS A 182 -10.79 12.28 -20.29
N LEU A 183 -9.98 12.13 -21.33
CA LEU A 183 -9.08 13.17 -21.78
C LEU A 183 -9.27 13.38 -23.28
N PRO A 184 -10.36 14.09 -23.66
CA PRO A 184 -10.69 14.30 -25.06
C PRO A 184 -9.89 15.44 -25.68
N GLN A 185 -9.37 16.33 -24.83
CA GLN A 185 -8.57 17.46 -25.30
C GLN A 185 -7.13 17.03 -25.51
N LEU A 186 -6.83 15.80 -25.10
CA LEU A 186 -5.48 15.28 -25.21
C LEU A 186 -5.34 14.09 -26.18
N PRO A 187 -4.33 14.17 -27.05
CA PRO A 187 -3.96 13.24 -28.11
C PRO A 187 -3.22 12.02 -27.56
N ILE A 188 -3.90 11.26 -26.71
CA ILE A 188 -3.32 10.07 -26.11
C ILE A 188 -3.32 8.93 -27.13
N THR A 189 -2.14 8.35 -27.38
CA THR A 189 -1.98 7.33 -28.41
C THR A 189 -1.18 6.15 -27.91
N ASN A 190 -0.41 6.36 -26.85
CA ASN A 190 0.48 5.33 -26.32
C ASN A 190 0.53 5.27 -24.80
N PHE A 191 1.24 4.26 -24.30
CA PHE A 191 1.39 4.02 -22.87
C PHE A 191 2.81 4.18 -22.38
N SER A 192 3.56 5.12 -22.95
CA SER A 192 4.90 5.40 -22.45
C SER A 192 5.36 6.84 -22.62
N ARG A 193 5.50 7.32 -23.86
CA ARG A 193 5.96 8.69 -24.07
C ARG A 193 4.97 9.72 -23.53
N ASP A 194 3.69 9.58 -23.86
CA ASP A 194 2.67 10.55 -23.47
C ASP A 194 2.71 10.89 -21.97
N TRP A 195 3.03 9.89 -21.17
CA TRP A 195 3.01 10.03 -19.72
C TRP A 195 4.30 10.54 -19.10
N GLN A 196 5.33 10.78 -19.92
CA GLN A 196 6.64 11.13 -19.39
C GLN A 196 6.71 12.53 -18.79
N SER A 197 5.92 13.47 -19.32
CA SER A 197 5.90 14.82 -18.78
C SER A 197 5.26 14.85 -17.38
N GLY A 198 4.37 13.89 -17.15
CA GLY A 198 3.66 13.77 -15.90
C GLY A 198 2.35 14.54 -15.93
N ARG A 199 2.23 15.43 -16.91
CA ARG A 199 1.07 16.31 -17.01
C ARG A 199 -0.21 15.60 -17.42
N ALA A 200 -0.12 14.50 -18.17
CA ALA A 200 -1.32 13.76 -18.56
C ALA A 200 -1.86 12.97 -17.37
N LEU A 201 -1.00 12.75 -16.38
CA LEU A 201 -1.42 12.11 -15.13
C LEU A 201 -2.23 13.12 -14.34
N GLY A 202 -1.68 14.32 -14.21
CA GLY A 202 -2.41 15.43 -13.62
C GLY A 202 -3.80 15.61 -14.23
N ALA A 203 -3.87 15.56 -15.55
CA ALA A 203 -5.14 15.72 -16.26
C ALA A 203 -6.10 14.56 -16.03
N LEU A 204 -5.56 13.36 -15.95
CA LEU A 204 -6.37 12.17 -15.75
C LEU A 204 -6.92 12.13 -14.32
N VAL A 205 -6.09 12.55 -13.37
CA VAL A 205 -6.48 12.53 -11.97
C VAL A 205 -7.46 13.65 -11.67
N ASP A 206 -7.40 14.71 -12.46
CA ASP A 206 -8.28 15.85 -12.24
C ASP A 206 -9.56 15.60 -12.97
N SER A 207 -9.48 14.82 -14.02
CA SER A 207 -10.64 14.39 -14.77
C SER A 207 -11.50 13.48 -13.90
N CYS A 208 -10.85 12.65 -13.10
CA CYS A 208 -11.58 11.70 -12.28
C CYS A 208 -12.20 12.42 -11.09
N ALA A 209 -11.61 13.55 -10.71
CA ALA A 209 -12.08 14.29 -9.54
C ALA A 209 -11.62 15.74 -9.61
N PRO A 210 -12.32 16.55 -10.40
CA PRO A 210 -11.85 17.91 -10.66
C PRO A 210 -11.47 18.69 -9.41
N GLY A 211 -10.29 19.30 -9.46
CA GLY A 211 -9.76 20.10 -8.38
C GLY A 211 -8.66 19.38 -7.64
N LEU A 212 -8.46 18.09 -7.96
CA LEU A 212 -7.36 17.32 -7.38
C LEU A 212 -6.02 17.79 -7.96
N CYS A 213 -6.04 18.18 -9.23
CA CYS A 213 -4.85 18.66 -9.92
C CYS A 213 -5.30 19.68 -10.93
N PRO A 214 -5.97 20.74 -10.44
CA PRO A 214 -6.62 21.75 -11.27
C PRO A 214 -5.65 22.43 -12.24
N ASP A 215 -4.38 22.53 -11.84
CA ASP A 215 -3.41 23.34 -12.57
C ASP A 215 -2.48 22.53 -13.47
N TRP A 216 -2.81 21.24 -13.68
CA TRP A 216 -1.98 20.32 -14.48
C TRP A 216 -1.46 20.92 -15.79
N ASP A 217 -2.34 21.67 -16.44
CA ASP A 217 -2.07 22.36 -17.68
C ASP A 217 -0.90 23.36 -17.64
N SER A 218 -0.65 23.98 -16.49
CA SER A 218 0.44 24.95 -16.38
C SER A 218 1.65 24.29 -15.70
N TRP A 219 1.64 22.96 -15.69
CA TRP A 219 2.74 22.21 -15.09
C TRP A 219 4.02 22.27 -15.94
N ASP A 220 5.18 22.32 -15.28
CA ASP A 220 6.47 22.36 -15.95
C ASP A 220 6.85 20.99 -16.53
N ALA A 221 6.80 20.87 -17.84
CA ALA A 221 7.07 19.61 -18.54
C ALA A 221 8.46 19.05 -18.23
N SER A 222 9.35 19.91 -17.76
CA SER A 222 10.74 19.54 -17.57
C SER A 222 10.97 18.92 -16.20
N LYS A 223 9.93 18.95 -15.38
CA LYS A 223 10.00 18.42 -14.02
C LYS A 223 9.00 17.27 -13.89
N PRO A 224 9.29 16.14 -14.55
CA PRO A 224 8.38 15.00 -14.74
C PRO A 224 8.08 14.26 -13.44
N VAL A 225 9.12 14.00 -12.66
CA VAL A 225 8.97 13.27 -11.42
C VAL A 225 8.11 14.05 -10.45
N THR A 226 8.34 15.36 -10.38
CA THR A 226 7.51 16.26 -9.56
C THR A 226 6.05 16.21 -10.01
N ASN A 227 5.81 16.36 -11.31
CA ASN A 227 4.46 16.31 -11.86
C ASN A 227 3.77 14.99 -11.57
N ALA A 228 4.44 13.89 -11.91
CA ALA A 228 3.85 12.58 -11.72
C ALA A 228 3.69 12.22 -10.23
N ARG A 229 4.68 12.57 -9.41
CA ARG A 229 4.59 12.36 -7.97
C ARG A 229 3.36 13.05 -7.36
N GLU A 230 3.06 14.29 -7.79
CA GLU A 230 1.89 15.01 -7.29
C GLU A 230 0.58 14.40 -7.78
N ALA A 231 0.46 14.20 -9.09
CA ALA A 231 -0.69 13.54 -9.66
C ALA A 231 -0.94 12.16 -9.04
N MET A 232 0.12 11.42 -8.76
CA MET A 232 -0.02 10.04 -8.26
C MET A 232 -0.28 9.94 -6.76
N GLN A 233 0.30 10.85 -5.98
CA GLN A 233 -0.02 10.93 -4.56
C GLN A 233 -1.45 11.44 -4.34
N GLN A 234 -1.96 12.26 -5.24
CA GLN A 234 -3.37 12.73 -5.19
C GLN A 234 -4.36 11.60 -5.47
N ALA A 235 -4.15 10.88 -6.56
CA ALA A 235 -4.91 9.66 -6.82
C ALA A 235 -4.80 8.68 -5.67
N ASP A 236 -3.64 8.60 -5.03
CA ASP A 236 -3.48 7.65 -3.94
C ASP A 236 -4.39 8.03 -2.75
N ASP A 237 -4.17 9.24 -2.25
CA ASP A 237 -4.86 9.75 -1.07
C ASP A 237 -6.38 9.86 -1.23
N TRP A 238 -6.81 10.27 -2.42
CA TRP A 238 -8.23 10.59 -2.68
C TRP A 238 -9.04 9.68 -3.57
N LEU A 239 -8.40 8.80 -4.31
CA LEU A 239 -9.16 7.93 -5.20
C LEU A 239 -8.85 6.50 -4.82
N GLY A 240 -8.00 6.35 -3.80
CA GLY A 240 -7.60 5.05 -3.31
C GLY A 240 -6.82 4.24 -4.33
N ILE A 241 -6.28 4.94 -5.34
CA ILE A 241 -5.46 4.30 -6.37
C ILE A 241 -4.05 4.08 -5.85
N PRO A 242 -3.68 2.81 -5.58
CA PRO A 242 -2.35 2.45 -5.05
C PRO A 242 -1.24 2.71 -6.08
N GLN A 243 -0.06 3.13 -5.63
CA GLN A 243 1.04 3.47 -6.53
C GLN A 243 1.90 2.25 -6.83
N VAL A 244 1.38 1.33 -7.64
CA VAL A 244 2.06 0.09 -7.97
C VAL A 244 3.30 0.33 -8.84
N ILE A 245 3.27 1.41 -9.61
CA ILE A 245 4.46 1.90 -10.29
C ILE A 245 4.75 3.23 -9.65
N THR A 246 6.01 3.50 -9.33
CA THR A 246 6.34 4.75 -8.66
C THR A 246 6.38 5.87 -9.68
N PRO A 247 6.33 7.11 -9.20
CA PRO A 247 6.48 8.26 -10.10
C PRO A 247 7.80 8.20 -10.89
N GLU A 248 8.91 7.93 -10.21
CA GLU A 248 10.23 7.89 -10.84
C GLU A 248 10.27 6.86 -11.97
N GLU A 249 9.64 5.72 -11.73
CA GLU A 249 9.54 4.65 -12.72
C GLU A 249 8.61 4.95 -13.90
N ILE A 250 7.53 5.68 -13.67
CA ILE A 250 6.57 5.88 -14.75
C ILE A 250 7.05 6.91 -15.77
N VAL A 251 7.85 7.87 -15.32
CA VAL A 251 8.40 8.89 -16.21
C VAL A 251 9.79 8.53 -16.74
N ASP A 252 10.26 7.33 -16.38
CA ASP A 252 11.52 6.83 -16.91
C ASP A 252 11.42 6.75 -18.42
N PRO A 253 12.50 7.14 -19.11
CA PRO A 253 12.53 7.12 -20.56
C PRO A 253 12.39 5.70 -21.14
N ASN A 254 12.60 4.67 -20.32
CA ASN A 254 12.62 3.29 -20.82
C ASN A 254 11.54 2.36 -20.29
N VAL A 255 10.49 2.90 -19.68
CA VAL A 255 9.41 2.10 -19.08
C VAL A 255 8.56 1.43 -20.15
N ASP A 256 8.11 0.21 -19.87
CA ASP A 256 7.30 -0.55 -20.83
C ASP A 256 5.82 -0.23 -20.67
N GLU A 257 5.09 -0.39 -21.77
CA GLU A 257 3.68 -0.08 -21.79
C GLU A 257 2.89 -0.96 -20.83
N HIS A 258 3.41 -2.15 -20.54
CA HIS A 258 2.75 -3.10 -19.65
C HIS A 258 2.74 -2.58 -18.21
N SER A 259 3.88 -2.08 -17.74
CA SER A 259 3.95 -1.53 -16.39
C SER A 259 3.00 -0.36 -16.26
N VAL A 260 3.03 0.56 -17.22
CA VAL A 260 2.11 1.68 -17.21
C VAL A 260 0.63 1.30 -17.25
N MET A 261 0.28 0.26 -17.99
CA MET A 261 -1.10 -0.18 -18.06
C MET A 261 -1.57 -0.79 -16.74
N THR A 262 -0.68 -1.54 -16.10
CA THR A 262 -1.00 -2.13 -14.80
C THR A 262 -1.37 -1.03 -13.82
N TYR A 263 -0.66 0.10 -13.90
CA TYR A 263 -0.99 1.26 -13.08
C TYR A 263 -2.32 1.95 -13.48
N LEU A 264 -2.39 2.40 -14.72
CA LEU A 264 -3.53 3.19 -15.14
C LEU A 264 -4.81 2.37 -15.16
N SER A 265 -4.69 1.06 -15.27
CA SER A 265 -5.87 0.18 -15.31
C SER A 265 -6.65 0.22 -13.99
N GLN A 266 -5.99 0.74 -12.96
CA GLN A 266 -6.58 0.88 -11.63
C GLN A 266 -7.60 2.01 -11.56
N PHE A 267 -7.69 2.79 -12.62
CA PHE A 267 -8.68 3.84 -12.69
C PHE A 267 -9.98 3.27 -13.24
N ILE B 47 -0.13 17.02 8.51
CA ILE B 47 0.77 15.87 8.38
C ILE B 47 0.41 14.74 9.32
N GLN B 48 0.35 15.05 10.61
CA GLN B 48 -0.05 14.03 11.58
C GLN B 48 -1.36 13.39 11.13
N GLN B 49 -2.35 14.23 10.83
CA GLN B 49 -3.61 13.72 10.34
C GLN B 49 -3.45 12.85 9.09
N ASN B 50 -2.71 13.38 8.11
CA ASN B 50 -2.42 12.64 6.90
C ASN B 50 -1.77 11.30 7.19
N THR B 51 -0.92 11.27 8.21
CA THR B 51 -0.22 10.04 8.61
C THR B 51 -1.15 9.04 9.29
N PHE B 52 -1.84 9.49 10.34
CA PHE B 52 -2.81 8.66 11.04
C PHE B 52 -3.82 8.10 10.06
N THR B 53 -4.25 8.92 9.11
CA THR B 53 -5.21 8.45 8.11
C THR B 53 -4.65 7.32 7.23
N ARG B 54 -3.39 7.44 6.84
CA ARG B 54 -2.80 6.41 5.99
C ARG B 54 -2.55 5.17 6.82
N TRP B 55 -2.09 5.37 8.05
CA TRP B 55 -1.90 4.25 8.93
C TRP B 55 -3.21 3.44 9.11
N CYS B 56 -4.30 4.13 9.43
CA CYS B 56 -5.60 3.52 9.54
C CYS B 56 -6.02 2.79 8.27
N ASN B 57 -5.88 3.45 7.11
CA ASN B 57 -6.32 2.84 5.85
C ASN B 57 -5.55 1.58 5.49
N GLU B 58 -4.27 1.57 5.87
CA GLU B 58 -3.44 0.39 5.73
C GLU B 58 -4.04 -0.81 6.47
N HIS B 59 -4.59 -0.59 7.66
CA HIS B 59 -5.28 -1.70 8.36
C HIS B 59 -6.68 -1.97 7.83
N LEU B 60 -7.38 -0.92 7.41
CA LEU B 60 -8.75 -1.06 6.87
C LEU B 60 -8.81 -1.63 5.45
N LYS B 61 -7.66 -1.97 4.88
CA LYS B 61 -7.65 -2.45 3.50
C LYS B 61 -8.39 -3.77 3.32
N CYS B 62 -9.34 -3.76 2.39
CA CYS B 62 -10.19 -4.92 2.11
C CYS B 62 -11.11 -5.33 3.26
N VAL B 63 -10.93 -4.72 4.43
CA VAL B 63 -11.77 -5.04 5.58
C VAL B 63 -12.97 -4.11 5.65
N SER B 64 -12.75 -2.84 5.31
CA SER B 64 -13.83 -1.88 5.14
C SER B 64 -13.50 -0.89 4.03
N LYS B 65 -14.30 0.17 3.90
CA LYS B 65 -14.01 1.21 2.92
C LYS B 65 -12.99 2.12 3.59
N ARG B 66 -12.14 2.72 2.78
CA ARG B 66 -11.12 3.65 3.24
C ARG B 66 -11.68 4.85 4.00
N ILE B 67 -10.86 5.41 4.89
CA ILE B 67 -11.10 6.71 5.49
C ILE B 67 -10.62 7.76 4.50
N ALA B 68 -11.52 8.64 4.06
CA ALA B 68 -11.12 9.76 3.22
C ALA B 68 -10.95 10.98 4.10
N ASN B 69 -11.78 11.05 5.14
CA ASN B 69 -11.79 12.21 6.01
C ASN B 69 -11.98 11.77 7.46
N LEU B 70 -10.90 11.90 8.23
CA LEU B 70 -10.88 11.40 9.60
C LEU B 70 -11.88 12.11 10.53
N GLN B 71 -12.24 13.33 10.18
CA GLN B 71 -13.19 14.08 10.99
C GLN B 71 -14.59 13.44 10.95
N THR B 72 -15.00 12.98 9.77
CA THR B 72 -16.33 12.43 9.58
C THR B 72 -16.41 10.89 9.48
N ASP B 73 -15.37 10.24 8.96
CA ASP B 73 -15.49 8.83 8.58
C ASP B 73 -15.44 7.81 9.73
N LEU B 74 -15.18 8.27 10.95
CA LEU B 74 -15.18 7.37 12.11
C LEU B 74 -16.44 7.50 12.96
N SER B 75 -17.33 8.39 12.56
CA SER B 75 -18.36 8.89 13.45
C SER B 75 -19.53 7.92 13.69
N ASP B 76 -19.86 7.10 12.71
CA ASP B 76 -20.88 6.09 12.91
C ASP B 76 -20.33 4.85 13.61
N GLY B 77 -19.02 4.88 13.87
CA GLY B 77 -18.37 3.84 14.64
C GLY B 77 -17.98 2.58 13.88
N LEU B 78 -18.48 2.42 12.66
CA LEU B 78 -18.28 1.18 11.91
C LEU B 78 -16.81 0.93 11.53
N ARG B 79 -16.16 1.96 11.00
CA ARG B 79 -14.75 1.81 10.65
C ARG B 79 -13.85 1.80 11.90
N LEU B 80 -14.29 2.45 12.98
CA LEU B 80 -13.54 2.36 14.23
C LEU B 80 -13.51 0.92 14.73
N ILE B 81 -14.61 0.20 14.50
CA ILE B 81 -14.76 -1.13 15.03
C ILE B 81 -13.95 -2.08 14.16
N ALA B 82 -14.01 -1.86 12.85
CA ALA B 82 -13.17 -2.57 11.91
C ALA B 82 -11.67 -2.48 12.24
N LEU B 83 -11.19 -1.27 12.46
CA LEU B 83 -9.78 -1.05 12.77
C LEU B 83 -9.41 -1.78 14.06
N LEU B 84 -10.23 -1.63 15.09
CA LEU B 84 -9.97 -2.33 16.33
C LEU B 84 -9.98 -3.85 16.13
N GLU B 85 -10.98 -4.37 15.43
CA GLU B 85 -11.05 -5.81 15.19
C GLU B 85 -9.77 -6.29 14.51
N VAL B 86 -9.28 -5.49 13.57
CA VAL B 86 -8.13 -5.84 12.76
C VAL B 86 -6.81 -5.69 13.55
N LEU B 87 -6.72 -4.65 14.37
CA LEU B 87 -5.51 -4.44 15.17
C LEU B 87 -5.41 -5.49 16.26
N SER B 88 -6.52 -5.76 16.94
CA SER B 88 -6.53 -6.65 18.09
C SER B 88 -6.61 -8.08 17.59
N GLN B 89 -7.29 -8.24 16.48
CA GLN B 89 -7.55 -9.55 15.89
C GLN B 89 -8.54 -10.36 16.71
N LYS B 90 -9.33 -9.65 17.50
CA LYS B 90 -10.51 -10.23 18.12
C LYS B 90 -11.74 -9.64 17.43
N LYS B 91 -12.91 -10.13 17.81
CA LYS B 91 -14.15 -9.48 17.42
C LYS B 91 -14.55 -8.66 18.63
N MET B 92 -15.57 -7.84 18.48
CA MET B 92 -16.04 -7.05 19.59
C MET B 92 -16.58 -7.93 20.74
N HIS B 93 -16.78 -7.32 21.91
CA HIS B 93 -17.37 -8.02 23.04
C HIS B 93 -18.90 -8.09 22.96
N ARG B 94 -19.55 -6.97 22.64
CA ARG B 94 -20.99 -7.00 22.36
C ARG B 94 -21.24 -6.68 20.90
N LYS B 95 -22.47 -6.91 20.46
CA LYS B 95 -22.92 -6.58 19.11
C LYS B 95 -23.09 -5.08 18.92
N HIS B 96 -22.98 -4.64 17.68
CA HIS B 96 -23.18 -3.23 17.35
C HIS B 96 -24.18 -3.09 16.20
N ASN B 97 -24.76 -1.90 16.03
CA ASN B 97 -25.66 -1.64 14.92
C ASN B 97 -24.90 -1.55 13.61
N GLN B 98 -25.42 -2.19 12.55
CA GLN B 98 -24.72 -2.26 11.27
C GLN B 98 -25.13 -1.16 10.27
N ARG B 99 -26.31 -0.58 10.48
CA ARG B 99 -26.72 0.57 9.69
C ARG B 99 -27.11 1.70 10.63
N PRO B 100 -26.13 2.30 11.29
CA PRO B 100 -26.35 3.42 12.21
C PRO B 100 -26.91 4.66 11.54
N THR B 101 -28.17 4.59 11.10
CA THR B 101 -28.85 5.73 10.48
C THR B 101 -29.08 6.89 11.45
N PHE B 102 -29.31 6.58 12.72
CA PHE B 102 -29.70 7.60 13.72
C PHE B 102 -28.58 7.86 14.74
N ARG B 103 -28.52 9.07 15.29
CA ARG B 103 -27.38 9.42 16.15
C ARG B 103 -27.21 8.41 17.27
N GLN B 104 -28.32 8.06 17.89
CA GLN B 104 -28.35 7.10 18.97
C GLN B 104 -27.45 5.90 18.68
N MET B 105 -27.67 5.28 17.52
CA MET B 105 -26.95 4.04 17.18
C MET B 105 -25.48 4.29 16.85
N GLN B 106 -25.18 5.50 16.42
CA GLN B 106 -23.79 5.90 16.28
C GLN B 106 -23.11 5.95 17.63
N LEU B 107 -23.80 6.52 18.62
CA LEU B 107 -23.27 6.55 20.00
C LEU B 107 -23.15 5.14 20.60
N GLU B 108 -24.03 4.23 20.21
CA GLU B 108 -23.96 2.85 20.68
C GLU B 108 -22.76 2.12 20.06
N ASN B 109 -22.48 2.41 18.80
CA ASN B 109 -21.31 1.85 18.13
C ASN B 109 -19.98 2.32 18.74
N VAL B 110 -19.73 3.63 18.74
CA VAL B 110 -18.54 4.16 19.38
C VAL B 110 -18.43 3.73 20.85
N SER B 111 -19.56 3.38 21.45
CA SER B 111 -19.59 2.88 22.82
C SER B 111 -19.07 1.45 22.88
N VAL B 112 -19.52 0.61 21.95
CA VAL B 112 -18.98 -0.75 21.83
C VAL B 112 -17.46 -0.73 21.65
N ALA B 113 -16.95 0.25 20.93
CA ALA B 113 -15.54 0.32 20.61
C ALA B 113 -14.70 0.86 21.77
N LEU B 114 -15.27 1.79 22.55
CA LEU B 114 -14.52 2.32 23.67
C LEU B 114 -14.46 1.33 24.84
N GLU B 115 -15.51 0.51 24.96
CA GLU B 115 -15.56 -0.55 25.96
C GLU B 115 -14.46 -1.57 25.66
N PHE B 116 -14.30 -1.90 24.38
CA PHE B 116 -13.29 -2.85 23.94
C PHE B 116 -11.89 -2.33 24.29
N LEU B 117 -11.62 -1.07 23.98
CA LEU B 117 -10.33 -0.47 24.32
C LEU B 117 -10.03 -0.71 25.78
N ASP B 118 -11.06 -0.54 26.60
CA ASP B 118 -10.93 -0.61 28.03
C ASP B 118 -10.91 -2.05 28.50
N ARG B 119 -11.55 -2.93 27.73
CA ARG B 119 -11.57 -4.36 28.04
C ARG B 119 -10.21 -4.97 27.75
N GLU B 120 -9.45 -4.32 26.86
CA GLU B 120 -8.10 -4.74 26.50
C GLU B 120 -7.10 -3.99 27.34
N SER B 121 -7.57 -3.42 28.43
CA SER B 121 -6.72 -2.63 29.30
C SER B 121 -5.86 -1.66 28.49
N ILE B 122 -6.45 -1.07 27.45
CA ILE B 122 -5.78 0.01 26.74
C ILE B 122 -6.26 1.31 27.36
N LYS B 123 -5.40 1.95 28.15
CA LYS B 123 -5.76 3.19 28.83
C LYS B 123 -6.17 4.26 27.84
N LEU B 124 -7.20 5.02 28.20
CA LEU B 124 -7.64 6.13 27.39
C LEU B 124 -7.53 7.45 28.15
N VAL B 125 -7.50 8.55 27.40
CA VAL B 125 -7.29 9.85 27.99
C VAL B 125 -8.37 10.83 27.57
N SER B 126 -9.44 10.90 28.37
CA SER B 126 -10.45 11.95 28.21
C SER B 126 -11.32 11.82 26.95
N ILE B 127 -11.52 10.58 26.48
CA ILE B 127 -12.33 10.38 25.27
C ILE B 127 -13.69 9.73 25.59
N ASP B 128 -14.74 10.31 25.02
CA ASP B 128 -16.11 9.80 25.15
C ASP B 128 -16.74 9.63 23.77
N SER B 129 -17.87 8.92 23.71
CA SER B 129 -18.53 8.64 22.44
C SER B 129 -19.02 9.88 21.67
N LYS B 130 -19.32 10.96 22.40
CA LYS B 130 -19.79 12.19 21.77
C LYS B 130 -18.71 12.82 20.91
N ALA B 131 -17.48 12.82 21.45
CA ALA B 131 -16.32 13.39 20.80
C ALA B 131 -16.03 12.73 19.44
N ILE B 132 -16.27 11.44 19.35
CA ILE B 132 -16.11 10.73 18.09
C ILE B 132 -17.32 10.93 17.18
N VAL B 133 -18.51 10.65 17.72
CA VAL B 133 -19.75 10.83 16.96
C VAL B 133 -19.93 12.27 16.44
N ASP B 134 -19.50 13.25 17.25
CA ASP B 134 -19.67 14.65 16.89
C ASP B 134 -18.56 15.26 16.03
N GLY B 135 -17.73 14.42 15.42
CA GLY B 135 -16.67 14.89 14.53
C GLY B 135 -15.66 15.84 15.15
N ASN B 136 -15.21 15.53 16.39
CA ASN B 136 -14.18 16.32 17.06
C ASN B 136 -12.79 15.88 16.64
N LEU B 137 -12.23 16.58 15.65
CA LEU B 137 -11.02 16.15 15.01
C LEU B 137 -9.84 15.94 15.97
N LYS B 138 -9.71 16.81 16.97
CA LYS B 138 -8.60 16.68 17.91
C LYS B 138 -8.63 15.39 18.73
N LEU B 139 -9.70 15.16 19.47
CA LEU B 139 -9.79 13.93 20.26
C LEU B 139 -9.79 12.67 19.39
N ILE B 140 -10.28 12.81 18.17
CA ILE B 140 -10.23 11.73 17.18
C ILE B 140 -8.78 11.39 16.82
N LEU B 141 -7.90 12.40 16.76
CA LEU B 141 -6.47 12.15 16.50
C LEU B 141 -5.79 11.61 17.74
N GLY B 142 -6.33 11.95 18.90
CA GLY B 142 -5.80 11.44 20.16
C GLY B 142 -6.09 9.96 20.26
N LEU B 143 -7.23 9.55 19.72
CA LEU B 143 -7.63 8.15 19.77
C LEU B 143 -6.76 7.29 18.88
N ILE B 144 -6.54 7.75 17.64
CA ILE B 144 -5.69 7.00 16.73
C ILE B 144 -4.29 6.92 17.29
N TRP B 145 -3.82 8.01 17.88
CA TRP B 145 -2.50 7.98 18.51
C TRP B 145 -2.43 6.95 19.63
N THR B 146 -3.45 6.91 20.47
CA THR B 146 -3.53 5.92 21.54
C THR B 146 -3.46 4.51 20.93
N LEU B 147 -4.06 4.33 19.76
CA LEU B 147 -4.10 3.02 19.12
C LEU B 147 -2.73 2.61 18.58
N ILE B 148 -1.98 3.59 18.05
CA ILE B 148 -0.66 3.36 17.46
C ILE B 148 0.39 3.10 18.53
N LEU B 149 0.36 3.92 19.56
CA LEU B 149 1.25 3.75 20.68
C LEU B 149 1.11 2.36 21.32
N HIS B 150 -0.10 1.82 21.35
CA HIS B 150 -0.34 0.52 22.00
C HIS B 150 -0.05 -0.65 21.09
N TYR B 151 -0.63 -0.63 19.90
CA TYR B 151 -0.53 -1.77 18.98
C TYR B 151 0.76 -1.73 18.15
N SER B 152 1.18 -0.54 17.75
CA SER B 152 2.30 -0.42 16.82
C SER B 152 3.63 -0.33 17.56
N ILE B 153 3.64 0.27 18.74
CA ILE B 153 4.90 0.46 19.48
C ILE B 153 5.03 -0.40 20.74
N SER B 154 4.09 -0.22 21.66
CA SER B 154 4.16 -0.80 22.99
C SER B 154 3.92 -2.32 23.04
N MET B 155 3.23 -2.85 22.04
CA MET B 155 2.85 -4.25 22.06
C MET B 155 3.94 -5.19 21.56
N PRO B 156 4.50 -4.91 20.37
CA PRO B 156 5.54 -5.79 19.83
C PRO B 156 6.81 -5.83 20.68
N MET B 157 6.88 -5.05 21.75
CA MET B 157 8.12 -4.96 22.52
C MET B 157 8.01 -5.36 23.99
N TRP B 158 6.80 -5.70 24.45
CA TRP B 158 6.55 -5.88 25.88
C TRP B 158 7.64 -6.67 26.60
N LEU B 175 11.15 2.11 21.61
CA LEU B 175 11.26 2.27 20.16
C LEU B 175 12.57 2.91 19.81
N LEU B 176 12.87 4.01 20.50
CA LEU B 176 14.13 4.71 20.31
C LEU B 176 15.30 3.75 20.55
N GLY B 177 15.25 3.01 21.65
CA GLY B 177 16.28 2.02 21.98
C GLY B 177 16.36 0.90 20.95
N TRP B 178 15.23 0.58 20.31
CA TRP B 178 15.18 -0.46 19.28
C TRP B 178 15.99 -0.02 18.05
N ILE B 179 15.88 1.27 17.74
CA ILE B 179 16.59 1.85 16.61
C ILE B 179 18.06 2.02 16.92
N GLN B 180 18.35 2.54 18.11
CA GLN B 180 19.73 2.65 18.58
C GLN B 180 20.44 1.32 18.44
N ASN B 181 19.68 0.24 18.58
CA ASN B 181 20.24 -1.10 18.50
C ASN B 181 20.59 -1.47 17.07
N LYS B 182 19.73 -1.08 16.14
CA LYS B 182 19.95 -1.34 14.72
C LYS B 182 21.08 -0.47 14.19
N LEU B 183 21.27 0.68 14.81
CA LEU B 183 22.21 1.69 14.31
C LEU B 183 23.17 2.14 15.41
N PRO B 184 24.06 1.23 15.84
CA PRO B 184 24.98 1.50 16.95
C PRO B 184 25.99 2.64 16.66
N GLN B 185 26.39 2.76 15.40
CA GLN B 185 27.34 3.79 15.01
C GLN B 185 26.69 5.18 14.94
N LEU B 186 25.37 5.23 15.16
CA LEU B 186 24.61 6.45 14.91
C LEU B 186 23.97 7.09 16.13
N PRO B 187 24.26 8.38 16.32
CA PRO B 187 23.85 9.27 17.43
C PRO B 187 22.37 9.62 17.40
N ILE B 188 21.51 8.61 17.39
CA ILE B 188 20.09 8.87 17.39
C ILE B 188 19.62 9.29 18.79
N THR B 189 18.91 10.41 18.86
CA THR B 189 18.31 10.86 20.12
C THR B 189 16.84 11.26 19.97
N ASN B 190 16.48 11.74 18.77
CA ASN B 190 15.12 12.26 18.54
C ASN B 190 14.39 11.63 17.35
N PHE B 191 13.14 12.04 17.16
CA PHE B 191 12.29 11.52 16.09
C PHE B 191 11.91 12.62 15.11
N SER B 192 12.76 13.64 15.03
CA SER B 192 12.48 14.83 14.21
C SER B 192 13.68 15.23 13.34
N ARG B 193 14.70 15.84 13.95
CA ARG B 193 15.89 16.32 13.24
C ARG B 193 16.77 15.20 12.65
N ASP B 194 17.13 14.21 13.49
CA ASP B 194 18.01 13.11 13.08
C ASP B 194 17.62 12.49 11.75
N TRP B 195 16.33 12.59 11.43
CA TRP B 195 15.79 11.96 10.24
C TRP B 195 15.67 12.91 9.05
N GLN B 196 16.01 14.18 9.25
CA GLN B 196 15.80 15.17 8.19
C GLN B 196 16.65 14.95 6.94
N SER B 197 17.86 14.45 7.12
CA SER B 197 18.77 14.23 6.00
C SER B 197 18.29 13.07 5.13
N GLY B 198 17.44 12.24 5.71
CA GLY B 198 16.98 11.03 5.05
C GLY B 198 18.01 9.93 5.14
N ARG B 199 19.24 10.27 5.56
CA ARG B 199 20.32 9.29 5.61
C ARG B 199 20.11 8.22 6.70
N ALA B 200 19.81 8.63 7.92
CA ALA B 200 19.48 7.67 8.96
C ALA B 200 18.34 6.69 8.56
N LEU B 201 17.44 7.11 7.66
CA LEU B 201 16.48 6.16 7.09
C LEU B 201 17.18 5.12 6.23
N GLY B 202 18.07 5.58 5.35
CA GLY B 202 18.85 4.68 4.51
C GLY B 202 19.62 3.72 5.40
N ALA B 203 20.24 4.27 6.44
CA ALA B 203 20.99 3.49 7.38
C ALA B 203 20.14 2.37 8.00
N LEU B 204 18.92 2.72 8.40
CA LEU B 204 18.06 1.79 9.13
C LEU B 204 17.51 0.73 8.21
N VAL B 205 17.17 1.15 7.00
CA VAL B 205 16.60 0.25 6.04
C VAL B 205 17.66 -0.76 5.62
N ASP B 206 18.89 -0.30 5.54
CA ASP B 206 19.96 -1.16 5.09
C ASP B 206 20.37 -2.07 6.20
N SER B 207 20.19 -1.59 7.43
CA SER B 207 20.51 -2.39 8.61
C SER B 207 19.56 -3.59 8.72
N CYS B 208 18.31 -3.40 8.31
CA CYS B 208 17.28 -4.45 8.32
C CYS B 208 17.41 -5.44 7.16
N ALA B 209 17.97 -4.97 6.05
CA ALA B 209 18.29 -5.84 4.92
C ALA B 209 19.46 -5.26 4.13
N PRO B 210 20.69 -5.59 4.55
CA PRO B 210 21.89 -5.10 3.87
C PRO B 210 21.81 -5.36 2.38
N GLY B 211 21.96 -4.31 1.59
CA GLY B 211 21.81 -4.41 0.16
C GLY B 211 20.86 -3.34 -0.33
N LEU B 212 19.74 -3.18 0.37
CA LEU B 212 18.75 -2.17 0.02
C LEU B 212 19.34 -0.76 -0.11
N CYS B 213 20.10 -0.31 0.88
CA CYS B 213 20.68 1.03 0.83
C CYS B 213 22.13 1.01 1.32
N PRO B 214 23.01 0.35 0.56
CA PRO B 214 24.38 0.09 1.05
C PRO B 214 25.25 1.33 1.01
N ASP B 215 24.93 2.26 0.11
CA ASP B 215 25.70 3.48 -0.05
C ASP B 215 25.16 4.63 0.77
N TRP B 216 24.48 4.33 1.87
CA TRP B 216 23.83 5.41 2.60
C TRP B 216 24.80 6.41 3.19
N ASP B 217 26.04 5.99 3.48
CA ASP B 217 26.97 6.92 4.16
C ASP B 217 27.64 7.92 3.23
N SER B 218 27.36 7.80 1.93
CA SER B 218 27.88 8.73 0.94
C SER B 218 26.76 9.58 0.30
N TRP B 219 25.57 9.51 0.88
CA TRP B 219 24.41 10.23 0.39
C TRP B 219 24.54 11.72 0.65
N ASP B 220 23.93 12.54 -0.21
CA ASP B 220 24.01 13.98 -0.10
C ASP B 220 22.91 14.45 0.83
N ALA B 221 23.28 14.90 2.04
CA ALA B 221 22.31 15.34 3.05
C ALA B 221 21.52 16.62 2.69
N SER B 222 21.91 17.29 1.61
CA SER B 222 21.19 18.47 1.13
C SER B 222 20.09 18.04 0.16
N LYS B 223 19.95 16.74 -0.01
CA LYS B 223 18.92 16.19 -0.87
C LYS B 223 18.06 15.18 -0.12
N PRO B 224 17.36 15.63 0.94
CA PRO B 224 16.67 14.82 1.94
C PRO B 224 15.45 14.08 1.40
N VAL B 225 14.61 14.75 0.60
CA VAL B 225 13.50 14.04 -0.05
C VAL B 225 14.05 12.90 -0.92
N THR B 226 15.06 13.20 -1.74
CA THR B 226 15.64 12.19 -2.60
C THR B 226 16.13 10.99 -1.78
N ASN B 227 16.80 11.29 -0.66
CA ASN B 227 17.32 10.29 0.27
C ASN B 227 16.24 9.43 0.90
N ALA B 228 15.27 10.08 1.54
CA ALA B 228 14.18 9.39 2.19
C ALA B 228 13.35 8.60 1.17
N ARG B 229 12.95 9.27 0.10
CA ARG B 229 12.24 8.61 -0.99
C ARG B 229 12.87 7.27 -1.35
N GLU B 230 14.21 7.22 -1.42
CA GLU B 230 14.93 6.00 -1.78
C GLU B 230 14.89 4.97 -0.65
N ALA B 231 15.20 5.41 0.57
CA ALA B 231 15.15 4.52 1.72
C ALA B 231 13.73 4.01 1.96
N MET B 232 12.74 4.87 1.73
CA MET B 232 11.38 4.48 2.07
C MET B 232 10.74 3.62 0.98
N GLN B 233 11.08 3.89 -0.26
CA GLN B 233 10.63 3.00 -1.34
C GLN B 233 11.24 1.61 -1.19
N GLN B 234 12.48 1.56 -0.72
CA GLN B 234 13.14 0.28 -0.56
C GLN B 234 12.41 -0.52 0.51
N ALA B 235 12.21 0.10 1.67
CA ALA B 235 11.47 -0.53 2.76
C ALA B 235 10.12 -1.03 2.27
N ASP B 236 9.37 -0.15 1.63
CA ASP B 236 8.08 -0.55 1.08
C ASP B 236 8.21 -1.82 0.24
N ASP B 237 8.86 -1.70 -0.91
CA ASP B 237 8.88 -2.76 -1.92
C ASP B 237 9.30 -4.09 -1.33
N TRP B 238 10.30 -4.02 -0.47
CA TRP B 238 11.06 -5.19 -0.10
C TRP B 238 10.75 -5.71 1.32
N LEU B 239 10.63 -4.80 2.29
CA LEU B 239 10.34 -5.18 3.66
C LEU B 239 8.83 -5.22 3.98
N GLY B 240 8.00 -4.82 3.03
CA GLY B 240 6.58 -4.74 3.27
C GLY B 240 6.16 -3.52 4.09
N ILE B 241 7.11 -2.68 4.48
CA ILE B 241 6.84 -1.46 5.26
C ILE B 241 6.19 -0.30 4.45
N PRO B 242 4.88 -0.09 4.64
CA PRO B 242 4.04 0.88 3.92
C PRO B 242 4.40 2.33 4.20
N GLN B 243 4.21 3.22 3.23
CA GLN B 243 4.63 4.59 3.42
C GLN B 243 3.55 5.49 4.04
N VAL B 244 3.22 5.23 5.30
CA VAL B 244 2.13 5.92 5.99
C VAL B 244 2.40 7.42 6.17
N ILE B 245 3.68 7.77 6.23
CA ILE B 245 4.08 9.17 6.10
C ILE B 245 4.92 9.27 4.84
N THR B 246 4.67 10.26 3.99
CA THR B 246 5.42 10.38 2.74
C THR B 246 6.81 10.91 2.97
N PRO B 247 7.74 10.62 2.05
CA PRO B 247 9.12 11.11 2.15
C PRO B 247 9.14 12.63 2.25
N GLU B 248 8.35 13.31 1.43
CA GLU B 248 8.29 14.76 1.45
C GLU B 248 7.96 15.21 2.86
N GLU B 249 6.96 14.54 3.44
CA GLU B 249 6.50 14.81 4.81
C GLU B 249 7.53 14.53 5.89
N ILE B 250 8.19 13.37 5.86
CA ILE B 250 9.10 12.97 6.94
C ILE B 250 10.37 13.79 7.10
N VAL B 251 10.80 14.46 6.03
CA VAL B 251 11.99 15.30 6.10
C VAL B 251 11.64 16.79 6.17
N ASP B 252 10.36 17.09 6.20
CA ASP B 252 9.87 18.43 6.49
C ASP B 252 10.49 18.96 7.79
N PRO B 253 10.86 20.25 7.81
CA PRO B 253 11.46 20.84 9.02
C PRO B 253 10.51 20.83 10.21
N ASN B 254 9.21 20.66 9.97
CA ASN B 254 8.22 20.81 11.04
C ASN B 254 7.37 19.56 11.34
N VAL B 255 7.89 18.37 11.06
CA VAL B 255 7.19 17.16 11.45
C VAL B 255 7.18 17.01 12.98
N ASP B 256 6.09 16.42 13.46
CA ASP B 256 5.99 16.02 14.87
C ASP B 256 6.61 14.65 15.05
N GLU B 257 7.17 14.40 16.22
CA GLU B 257 7.79 13.11 16.46
C GLU B 257 6.76 11.97 16.34
N HIS B 258 5.48 12.30 16.52
CA HIS B 258 4.39 11.32 16.45
C HIS B 258 4.18 10.71 15.05
N SER B 259 4.08 11.55 14.03
CA SER B 259 4.02 11.06 12.66
C SER B 259 5.23 10.21 12.29
N VAL B 260 6.41 10.57 12.80
CA VAL B 260 7.62 9.82 12.48
C VAL B 260 7.67 8.47 13.18
N MET B 261 7.26 8.45 14.47
CA MET B 261 7.22 7.19 15.24
C MET B 261 6.23 6.20 14.66
N THR B 262 5.11 6.68 14.13
CA THR B 262 4.15 5.77 13.50
C THR B 262 4.76 5.16 12.24
N TYR B 263 5.56 5.95 11.51
CA TYR B 263 6.20 5.38 10.33
C TYR B 263 7.22 4.36 10.79
N LEU B 264 8.10 4.80 11.68
CA LEU B 264 9.24 3.99 12.11
C LEU B 264 8.86 2.81 13.01
N SER B 265 7.66 2.86 13.59
CA SER B 265 7.22 1.79 14.49
C SER B 265 6.80 0.57 13.70
N GLN B 266 6.61 0.75 12.40
CA GLN B 266 6.23 -0.36 11.52
C GLN B 266 7.38 -1.37 11.40
N PHE B 267 8.60 -0.90 11.67
CA PHE B 267 9.79 -1.75 11.57
C PHE B 267 9.87 -2.77 12.70
N PRO B 268 9.80 -2.30 13.97
CA PRO B 268 9.71 -3.22 15.11
C PRO B 268 8.48 -4.12 15.02
N LYS B 269 7.33 -3.51 14.75
CA LYS B 269 6.06 -4.24 14.65
C LYS B 269 6.20 -5.43 13.71
N ALA B 270 6.91 -5.19 12.60
CA ALA B 270 7.10 -6.22 11.57
C ALA B 270 8.23 -7.16 11.97
N LYS B 271 8.72 -6.98 13.20
CA LYS B 271 9.66 -7.91 13.79
C LYS B 271 11.04 -7.91 13.15
N LEU B 272 11.23 -7.10 12.13
CA LEU B 272 12.54 -6.94 11.53
C LEU B 272 13.64 -6.67 12.56
P PO4 C . 12.04 16.25 -11.54
O1 PO4 C . 13.03 15.79 -10.49
O2 PO4 C . 10.65 16.22 -10.95
O3 PO4 C . 12.35 17.66 -11.98
O4 PO4 C . 12.08 15.30 -12.71
P PO4 D . 3.49 -14.82 3.84
O1 PO4 D . 2.65 -14.52 5.06
O2 PO4 D . 2.85 -15.90 3.00
O3 PO4 D . 3.63 -13.55 3.02
O4 PO4 D . 4.87 -15.26 4.25
P PO4 E . 15.44 17.30 -2.68
O1 PO4 E . 15.57 17.65 -1.21
O2 PO4 E . 13.98 17.30 -3.09
O3 PO4 E . 16.19 18.33 -3.50
O4 PO4 E . 15.97 15.91 -2.96
P PO4 F . 23.47 13.82 8.59
O1 PO4 F . 23.34 13.43 10.05
O2 PO4 F . 23.31 15.32 8.44
O3 PO4 F . 24.85 13.42 8.12
O4 PO4 F . 22.47 13.08 7.75
#